data_2B5A
#
_entry.id   2B5A
#
_cell.length_a   63.205
_cell.length_b   65.016
_cell.length_c   73.296
_cell.angle_alpha   90.00
_cell.angle_beta   90.00
_cell.angle_gamma   90.00
#
_symmetry.space_group_name_H-M   'P 21 21 2'
#
loop_
_entity.id
_entity.type
_entity.pdbx_description
1 polymer C.BclI
2 non-polymer 'ACETIC ACID'
3 water water
#
_entity_poly.entity_id   1
_entity_poly.type   'polypeptide(L)'
_entity_poly.pdbx_seq_one_letter_code
;MINEIEIKRKFGRTLKKIRTQKGVSQEELADLAGLHRTYISEVERGDRNISLINIHKICAALDIPASTFFRKMEEEN
;
_entity_poly.pdbx_strand_id   A,B,C,D
#
loop_
_chem_comp.id
_chem_comp.type
_chem_comp.name
_chem_comp.formula
ACY non-polymer 'ACETIC ACID' 'C2 H4 O2'
#
# COMPACT_ATOMS: atom_id res chain seq x y z
N MET A 1 -3.62 32.42 -6.95
CA MET A 1 -3.33 32.39 -5.48
C MET A 1 -4.39 31.62 -4.71
N ILE A 2 -3.93 30.72 -3.85
CA ILE A 2 -4.80 29.90 -3.01
C ILE A 2 -5.54 30.75 -1.96
N ASN A 3 -6.83 30.52 -1.88
CA ASN A 3 -7.71 31.14 -0.90
C ASN A 3 -8.15 30.02 0.05
N GLU A 4 -7.41 29.83 1.15
CA GLU A 4 -7.71 28.77 2.11
C GLU A 4 -9.12 28.91 2.64
N ILE A 5 -9.55 30.14 2.92
CA ILE A 5 -10.88 30.34 3.49
C ILE A 5 -11.94 29.86 2.53
N GLU A 6 -11.83 30.24 1.26
CA GLU A 6 -12.83 29.84 0.28
C GLU A 6 -12.85 28.33 0.09
N ILE A 7 -11.68 27.69 0.04
CA ILE A 7 -11.62 26.24 -0.13
C ILE A 7 -12.38 25.56 1.02
N LYS A 8 -12.06 25.95 2.26
CA LYS A 8 -12.74 25.39 3.41
C LYS A 8 -14.24 25.68 3.44
N ARG A 9 -14.61 26.91 3.12
CA ARG A 9 -16.03 27.25 3.12
C ARG A 9 -16.77 26.54 2.02
N LYS A 10 -16.15 26.37 0.87
CA LYS A 10 -16.79 25.61 -0.23
C LYS A 10 -17.05 24.16 0.17
N PHE A 11 -16.06 23.54 0.83
CA PHE A 11 -16.25 22.21 1.36
C PHE A 11 -17.46 22.18 2.31
N GLY A 12 -17.51 23.17 3.21
CA GLY A 12 -18.60 23.20 4.19
C GLY A 12 -19.98 23.44 3.59
N ARG A 13 -20.06 24.33 2.60
CA ARG A 13 -21.31 24.55 1.88
C ARG A 13 -21.79 23.28 1.22
N THR A 14 -20.85 22.54 0.62
CA THR A 14 -21.18 21.33 -0.09
C THR A 14 -21.65 20.25 0.91
N LEU A 15 -21.00 20.16 2.06
CA LEU A 15 -21.42 19.19 3.09
C LEU A 15 -22.83 19.51 3.55
N LYS A 16 -23.08 20.77 3.87
CA LYS A 16 -24.42 21.14 4.34
C LYS A 16 -25.48 20.78 3.29
N LYS A 17 -25.20 21.07 2.03
CA LYS A 17 -26.13 20.78 0.94
C LYS A 17 -26.40 19.28 0.83
N ILE A 18 -25.34 18.48 0.83
CA ILE A 18 -25.50 17.05 0.70
C ILE A 18 -26.20 16.47 1.93
N ARG A 19 -25.76 16.88 3.11
CA ARG A 19 -26.41 16.37 4.35
C ARG A 19 -27.91 16.69 4.40
N THR A 20 -28.26 17.92 4.07
CA THR A 20 -29.66 18.38 4.12
C THR A 20 -30.48 17.67 3.05
N GLN A 21 -29.92 17.49 1.85
CA GLN A 21 -30.56 16.69 0.78
C GLN A 21 -30.89 15.29 1.26
N LYS A 22 -29.97 14.71 2.04
CA LYS A 22 -30.11 13.35 2.55
C LYS A 22 -30.97 13.27 3.80
N GLY A 23 -31.43 14.40 4.30
CA GLY A 23 -32.35 14.43 5.44
C GLY A 23 -31.71 14.03 6.77
N VAL A 24 -30.43 14.33 6.89
CA VAL A 24 -29.62 14.00 8.06
C VAL A 24 -29.38 15.27 8.84
N SER A 25 -29.64 15.26 10.15
CA SER A 25 -29.27 16.40 10.97
C SER A 25 -27.77 16.41 11.26
N GLN A 26 -27.27 17.56 11.71
CA GLN A 26 -25.89 17.67 12.14
C GLN A 26 -25.59 16.66 13.25
N GLU A 27 -26.52 16.54 14.20
CA GLU A 27 -26.30 15.62 15.34
C GLU A 27 -26.24 14.17 14.85
N GLU A 28 -27.14 13.81 13.94
CA GLU A 28 -27.16 12.47 13.36
C GLU A 28 -25.86 12.20 12.61
N LEU A 29 -25.43 13.14 11.77
CA LEU A 29 -24.18 12.96 11.05
C LEU A 29 -23.00 12.79 12.01
N ALA A 30 -22.97 13.65 13.02
CA ALA A 30 -21.93 13.57 14.06
C ALA A 30 -21.88 12.18 14.70
N ASP A 31 -23.06 11.67 15.05
CA ASP A 31 -23.17 10.36 15.69
C ASP A 31 -22.68 9.26 14.74
N LEU A 32 -23.17 9.28 13.51
CA LEU A 32 -22.78 8.27 12.52
C LEU A 32 -21.27 8.28 12.21
N ALA A 33 -20.66 9.46 12.20
CA ALA A 33 -19.24 9.61 11.86
C ALA A 33 -18.30 9.54 13.07
N GLY A 34 -18.86 9.49 14.28
CA GLY A 34 -18.07 9.49 15.51
C GLY A 34 -17.37 10.81 15.76
N LEU A 35 -18.06 11.90 15.44
CA LEU A 35 -17.51 13.24 15.61
C LEU A 35 -18.44 14.07 16.48
N HIS A 36 -17.95 15.21 16.96
CA HIS A 36 -18.80 16.12 17.76
C HIS A 36 -19.72 16.91 16.83
N ARG A 37 -20.96 17.14 17.25
CA ARG A 37 -21.86 18.00 16.47
C ARG A 37 -21.28 19.40 16.32
N THR A 38 -20.65 19.95 17.37
CA THR A 38 -20.04 21.27 17.25
C THR A 38 -19.02 21.30 16.10
N TYR A 39 -18.30 20.20 15.93
CA TYR A 39 -17.27 20.07 14.90
C TYR A 39 -17.92 19.97 13.52
N ILE A 40 -18.94 19.15 13.35
CA ILE A 40 -19.71 19.14 12.09
C ILE A 40 -20.18 20.54 11.70
N SER A 41 -20.77 21.24 12.66
CA SER A 41 -21.24 22.59 12.41
C SER A 41 -20.10 23.54 12.00
N GLU A 42 -18.98 23.48 12.72
CA GLU A 42 -17.78 24.25 12.37
C GLU A 42 -17.28 23.94 10.96
N VAL A 43 -17.22 22.66 10.61
CA VAL A 43 -16.80 22.25 9.27
C VAL A 43 -17.74 22.83 8.21
N GLU A 44 -19.04 22.79 8.48
CA GLU A 44 -20.00 23.36 7.55
C GLU A 44 -19.80 24.86 7.34
N ARG A 45 -19.21 25.55 8.33
CA ARG A 45 -18.87 26.98 8.22
C ARG A 45 -17.44 27.22 7.76
N GLY A 46 -16.67 26.17 7.50
CA GLY A 46 -15.28 26.37 7.09
C GLY A 46 -14.33 26.75 8.19
N ASP A 47 -14.71 26.52 9.43
CA ASP A 47 -13.81 26.84 10.55
C ASP A 47 -12.70 25.83 10.79
N ARG A 48 -12.85 24.61 10.29
CA ARG A 48 -11.89 23.60 10.70
C ARG A 48 -10.93 23.24 9.58
N ASN A 49 -9.75 22.75 9.98
CA ASN A 49 -8.76 22.34 9.01
C ASN A 49 -9.07 20.91 8.54
N ILE A 50 -10.24 20.68 7.95
CA ILE A 50 -10.65 19.31 7.71
C ILE A 50 -9.62 18.65 6.86
N SER A 51 -9.38 17.39 7.23
CA SER A 51 -8.35 16.60 6.62
C SER A 51 -8.90 15.24 6.17
N LEU A 52 -8.01 14.51 5.51
CA LEU A 52 -8.39 13.28 4.80
C LEU A 52 -9.27 12.33 5.61
N ILE A 53 -8.85 12.04 6.84
CA ILE A 53 -9.58 11.03 7.62
C ILE A 53 -11.02 11.49 7.88
N ASN A 54 -11.19 12.71 8.39
CA ASN A 54 -12.55 13.19 8.70
C ASN A 54 -13.38 13.38 7.42
N ILE A 55 -12.74 13.78 6.33
CA ILE A 55 -13.45 13.80 5.05
C ILE A 55 -14.05 12.43 4.78
N HIS A 56 -13.24 11.39 4.90
CA HIS A 56 -13.75 10.04 4.66
C HIS A 56 -14.75 9.53 5.68
N LYS A 57 -14.59 9.86 6.96
CA LYS A 57 -15.60 9.47 7.97
C LYS A 57 -16.94 10.12 7.63
N ILE A 58 -16.90 11.38 7.21
CA ILE A 58 -18.13 12.10 6.91
C ILE A 58 -18.79 11.53 5.64
N CYS A 59 -18.01 11.31 4.61
CA CYS A 59 -18.55 10.76 3.38
C CYS A 59 -19.12 9.35 3.58
N ALA A 60 -18.42 8.52 4.37
CA ALA A 60 -18.91 7.20 4.70
C ALA A 60 -20.23 7.28 5.43
N ALA A 61 -20.35 8.22 6.37
CA ALA A 61 -21.57 8.38 7.15
C ALA A 61 -22.76 8.77 6.28
N LEU A 62 -22.50 9.56 5.25
CA LEU A 62 -23.54 10.00 4.31
C LEU A 62 -23.69 9.05 3.12
N ASP A 63 -22.99 7.92 3.16
CA ASP A 63 -23.07 6.90 2.12
C ASP A 63 -22.79 7.47 0.71
N ILE A 64 -21.76 8.31 0.60
CA ILE A 64 -21.38 8.91 -0.67
C ILE A 64 -19.87 8.70 -0.84
N PRO A 65 -19.43 8.34 -2.04
CA PRO A 65 -17.98 8.29 -2.29
C PRO A 65 -17.35 9.68 -2.19
N ALA A 66 -16.12 9.78 -1.70
CA ALA A 66 -15.42 11.07 -1.67
C ALA A 66 -15.36 11.66 -3.07
N SER A 67 -15.15 10.85 -4.09
CA SER A 67 -15.10 11.37 -5.46
C SER A 67 -16.37 12.13 -5.81
N THR A 68 -17.54 11.61 -5.39
CA THR A 68 -18.80 12.24 -5.70
C THR A 68 -18.96 13.53 -4.92
N PHE A 69 -18.53 13.51 -3.67
CA PHE A 69 -18.53 14.72 -2.84
C PHE A 69 -17.73 15.80 -3.55
N PHE A 70 -16.52 15.46 -3.99
CA PHE A 70 -15.65 16.48 -4.58
C PHE A 70 -16.14 16.90 -5.96
N ARG A 71 -16.80 15.99 -6.68
CA ARG A 71 -17.39 16.37 -7.96
C ARG A 71 -18.47 17.43 -7.73
N LYS A 72 -19.30 17.23 -6.71
CA LYS A 72 -20.31 18.24 -6.38
C LYS A 72 -19.68 19.57 -5.96
N MET A 73 -18.60 19.49 -5.18
CA MET A 73 -17.88 20.69 -4.79
C MET A 73 -17.38 21.44 -6.04
N GLU A 74 -16.84 20.69 -6.99
CA GLU A 74 -16.29 21.24 -8.22
C GLU A 74 -17.36 21.88 -9.13
N GLU A 75 -18.58 21.35 -9.04
CA GLU A 75 -19.70 21.78 -9.89
C GLU A 75 -20.40 22.99 -9.32
N GLU A 76 -20.07 23.39 -8.10
CA GLU A 76 -20.66 24.57 -7.49
C GLU A 76 -20.27 25.83 -8.26
N ASN A 77 -21.27 26.66 -8.54
CA ASN A 77 -21.11 27.89 -9.34
C ASN A 77 -19.72 28.51 -9.31
N MET B 1 -18.31 2.88 8.01
CA MET B 1 -17.20 3.40 8.85
C MET B 1 -15.91 3.08 8.14
N ILE B 2 -14.91 3.94 8.29
CA ILE B 2 -13.65 3.74 7.57
C ILE B 2 -12.53 3.28 8.48
N ASN B 3 -11.58 2.58 7.88
CA ASN B 3 -10.33 2.19 8.53
C ASN B 3 -9.28 3.24 8.21
N GLU B 4 -8.80 3.92 9.24
CA GLU B 4 -7.98 5.15 9.05
C GLU B 4 -6.62 4.85 8.44
N ILE B 5 -5.95 3.81 8.88
CA ILE B 5 -4.66 3.48 8.31
C ILE B 5 -4.80 3.11 6.84
N GLU B 6 -5.83 2.35 6.50
CA GLU B 6 -6.08 1.99 5.10
C GLU B 6 -6.32 3.23 4.24
N ILE B 7 -7.13 4.17 4.72
CA ILE B 7 -7.39 5.40 3.96
C ILE B 7 -6.10 6.19 3.71
N LYS B 8 -5.31 6.36 4.76
CA LYS B 8 -4.07 7.14 4.59
C LYS B 8 -3.11 6.43 3.63
N ARG B 9 -2.96 5.11 3.79
CA ARG B 9 -2.05 4.39 2.90
C ARG B 9 -2.55 4.36 1.44
N LYS B 10 -3.85 4.20 1.24
CA LYS B 10 -4.41 4.14 -0.11
C LYS B 10 -4.29 5.54 -0.76
N PHE B 11 -4.52 6.61 -0.02
CA PHE B 11 -4.31 7.94 -0.60
C PHE B 11 -2.85 8.08 -1.03
N GLY B 12 -1.91 7.68 -0.18
CA GLY B 12 -0.49 7.84 -0.48
C GLY B 12 -0.08 7.04 -1.71
N ARG B 13 -0.56 5.81 -1.83
CA ARG B 13 -0.27 4.98 -2.99
C ARG B 13 -0.84 5.58 -4.27
N THR B 14 -2.01 6.17 -4.16
CA THR B 14 -2.69 6.76 -5.30
C THR B 14 -1.89 7.99 -5.75
N LEU B 15 -1.43 8.78 -4.79
CA LEU B 15 -0.63 9.96 -5.10
C LEU B 15 0.65 9.54 -5.82
N LYS B 16 1.35 8.54 -5.28
CA LYS B 16 2.59 8.08 -5.93
C LYS B 16 2.30 7.62 -7.36
N LYS B 17 1.23 6.86 -7.53
CA LYS B 17 0.88 6.35 -8.86
C LYS B 17 0.60 7.49 -9.83
N ILE B 18 -0.23 8.46 -9.45
CA ILE B 18 -0.58 9.54 -10.37
C ILE B 18 0.64 10.41 -10.67
N ARG B 19 1.39 10.77 -9.66
CA ARG B 19 2.57 11.58 -9.87
C ARG B 19 3.57 10.91 -10.83
N THR B 20 3.78 9.61 -10.61
CA THR B 20 4.77 8.88 -11.40
C THR B 20 4.26 8.72 -12.83
N GLN B 21 2.97 8.47 -12.98
CA GLN B 21 2.34 8.41 -14.31
C GLN B 21 2.60 9.70 -15.10
N LYS B 22 2.48 10.81 -14.41
CA LYS B 22 2.68 12.14 -15.01
C LYS B 22 4.15 12.58 -15.10
N GLY B 23 5.09 11.71 -14.73
CA GLY B 23 6.49 12.07 -14.85
C GLY B 23 7.01 13.11 -13.88
N VAL B 24 6.39 13.20 -12.72
CA VAL B 24 6.73 14.21 -11.73
C VAL B 24 7.40 13.55 -10.53
N SER B 25 8.61 13.97 -10.22
CA SER B 25 9.33 13.49 -9.05
C SER B 25 8.73 14.07 -7.78
N GLN B 26 9.04 13.45 -6.63
CA GLN B 26 8.61 14.02 -5.35
C GLN B 26 9.12 15.45 -5.21
N GLU B 27 10.37 15.68 -5.62
CA GLU B 27 10.97 17.04 -5.49
C GLU B 27 10.21 18.06 -6.35
N GLU B 28 9.88 17.67 -7.57
CA GLU B 28 9.16 18.60 -8.42
C GLU B 28 7.77 18.83 -7.86
N LEU B 29 7.08 17.79 -7.38
CA LEU B 29 5.74 18.01 -6.83
C LEU B 29 5.82 18.97 -5.66
N ALA B 30 6.81 18.83 -4.81
CA ALA B 30 7.01 19.76 -3.66
C ALA B 30 7.16 21.18 -4.20
N ASP B 31 8.02 21.37 -5.19
CA ASP B 31 8.19 22.67 -5.81
C ASP B 31 6.87 23.26 -6.35
N LEU B 32 6.14 22.46 -7.13
CA LEU B 32 4.94 22.93 -7.78
C LEU B 32 3.82 23.21 -6.79
N ALA B 33 3.70 22.39 -5.75
CA ALA B 33 2.61 22.52 -4.79
C ALA B 33 2.95 23.38 -3.60
N GLY B 34 4.18 23.89 -3.53
CA GLY B 34 4.59 24.70 -2.39
C GLY B 34 4.62 23.94 -1.07
N LEU B 35 5.11 22.70 -1.13
CA LEU B 35 5.24 21.83 0.02
C LEU B 35 6.68 21.35 0.09
N HIS B 36 7.07 20.73 1.20
CA HIS B 36 8.41 20.16 1.32
C HIS B 36 8.44 18.73 0.75
N ARG B 37 9.57 18.33 0.18
CA ARG B 37 9.72 16.96 -0.31
C ARG B 37 9.47 15.93 0.77
N THR B 38 9.98 16.17 1.97
CA THR B 38 9.80 15.20 3.03
C THR B 38 8.33 14.99 3.33
N TYR B 39 7.54 16.07 3.31
CA TYR B 39 6.09 15.98 3.48
C TYR B 39 5.44 15.09 2.42
N ILE B 40 5.81 15.31 1.17
CA ILE B 40 5.29 14.48 0.06
C ILE B 40 5.63 13.00 0.34
N SER B 41 6.85 12.74 0.76
CA SER B 41 7.28 11.36 1.00
C SER B 41 6.45 10.75 2.13
N GLU B 42 6.25 11.52 3.18
CA GLU B 42 5.47 11.08 4.33
C GLU B 42 4.02 10.81 3.92
N VAL B 43 3.46 11.69 3.13
CA VAL B 43 2.08 11.50 2.65
C VAL B 43 1.99 10.22 1.80
N GLU B 44 2.94 10.01 0.92
CA GLU B 44 2.95 8.82 0.08
C GLU B 44 3.02 7.50 0.88
N ARG B 45 3.70 7.55 2.02
CA ARG B 45 3.84 6.42 2.94
C ARG B 45 2.61 6.25 3.84
N GLY B 46 1.69 7.22 3.86
CA GLY B 46 0.54 7.15 4.76
C GLY B 46 0.83 7.61 6.18
N ASP B 47 1.91 8.35 6.36
CA ASP B 47 2.32 8.84 7.69
C ASP B 47 1.78 10.20 8.10
N ARG B 48 0.97 10.81 7.24
CA ARG B 48 0.33 12.07 7.54
C ARG B 48 -1.16 11.94 7.25
N ASN B 49 -1.94 12.83 7.84
CA ASN B 49 -3.36 12.95 7.59
C ASN B 49 -3.53 14.26 6.80
N ILE B 50 -3.40 14.15 5.49
CA ILE B 50 -3.29 15.33 4.64
C ILE B 50 -4.52 16.21 4.72
N SER B 51 -4.29 17.50 4.80
CA SER B 51 -5.39 18.47 4.90
C SER B 51 -6.09 18.68 3.57
N LEU B 52 -7.36 19.11 3.65
CA LEU B 52 -8.09 19.57 2.45
C LEU B 52 -7.26 20.54 1.62
N ILE B 53 -6.66 21.53 2.26
CA ILE B 53 -5.89 22.53 1.53
C ILE B 53 -4.75 21.88 0.75
N ASN B 54 -4.03 20.95 1.38
CA ASN B 54 -2.93 20.33 0.68
C ASN B 54 -3.36 19.34 -0.38
N ILE B 55 -4.50 18.67 -0.17
CA ILE B 55 -5.12 17.88 -1.23
C ILE B 55 -5.35 18.77 -2.45
N HIS B 56 -5.93 19.94 -2.21
CA HIS B 56 -6.21 20.90 -3.27
C HIS B 56 -4.93 21.28 -3.99
N LYS B 57 -3.91 21.64 -3.21
CA LYS B 57 -2.66 22.11 -3.82
C LYS B 57 -2.01 21.02 -4.67
N ILE B 58 -1.99 19.79 -4.15
CA ILE B 58 -1.33 18.69 -4.87
C ILE B 58 -2.09 18.37 -6.17
N CYS B 59 -3.41 18.31 -6.08
CA CYS B 59 -4.22 17.99 -7.25
C CYS B 59 -4.05 19.09 -8.31
N ALA B 60 -4.08 20.36 -7.88
CA ALA B 60 -3.88 21.44 -8.82
C ALA B 60 -2.51 21.32 -9.49
N ALA B 61 -1.48 21.04 -8.70
CA ALA B 61 -0.11 20.93 -9.24
C ALA B 61 -0.01 19.82 -10.29
N LEU B 62 -0.76 18.73 -10.08
CA LEU B 62 -0.74 17.62 -11.02
C LEU B 62 -1.79 17.73 -12.11
N ASP B 63 -2.53 18.84 -12.16
CA ASP B 63 -3.59 19.04 -13.12
C ASP B 63 -4.53 17.84 -13.18
N ILE B 64 -5.10 17.54 -12.02
CA ILE B 64 -6.10 16.49 -11.90
C ILE B 64 -7.20 16.97 -10.95
N PRO B 65 -8.48 16.84 -11.33
CA PRO B 65 -9.51 17.20 -10.35
C PRO B 65 -9.45 16.28 -9.14
N ALA B 66 -9.70 16.83 -7.94
CA ALA B 66 -9.79 16.00 -6.75
C ALA B 66 -10.79 14.86 -6.93
N SER B 67 -11.90 15.13 -7.61
CA SER B 67 -12.90 14.06 -7.81
C SER B 67 -12.30 12.89 -8.57
N THR B 68 -11.52 13.19 -9.58
CA THR B 68 -10.87 12.15 -10.39
C THR B 68 -9.79 11.43 -9.57
N PHE B 69 -9.01 12.16 -8.80
CA PHE B 69 -8.03 11.57 -7.90
C PHE B 69 -8.74 10.57 -7.00
N PHE B 70 -9.81 10.99 -6.35
CA PHE B 70 -10.48 10.07 -5.43
C PHE B 70 -11.15 8.91 -6.14
N ARG B 71 -11.61 9.09 -7.38
CA ARG B 71 -12.15 7.97 -8.15
C ARG B 71 -11.07 6.91 -8.33
N LYS B 72 -9.85 7.35 -8.63
CA LYS B 72 -8.71 6.41 -8.77
C LYS B 72 -8.40 5.71 -7.44
N MET B 73 -8.43 6.46 -6.35
CA MET B 73 -8.20 5.92 -5.01
C MET B 73 -9.25 4.87 -4.66
N GLU B 74 -10.47 5.09 -5.14
CA GLU B 74 -11.59 4.21 -4.86
C GLU B 74 -11.59 2.91 -5.66
N GLU B 75 -10.83 2.88 -6.77
CA GLU B 75 -10.47 1.62 -7.50
C GLU B 75 -9.44 0.83 -6.71
N MET C 1 14.87 1.80 -7.76
CA MET C 1 15.40 1.81 -6.39
C MET C 1 14.53 0.93 -5.51
N ILE C 2 15.19 0.11 -4.70
CA ILE C 2 14.50 -0.78 -3.79
C ILE C 2 13.85 0.07 -2.74
N ASN C 3 12.57 -0.19 -2.50
CA ASN C 3 11.83 0.48 -1.47
C ASN C 3 11.35 -0.62 -0.57
N GLU C 4 12.03 -0.83 0.56
CA GLU C 4 11.71 -1.97 1.45
C GLU C 4 10.30 -1.92 2.00
N ILE C 5 9.87 -0.73 2.41
CA ILE C 5 8.51 -0.58 2.90
C ILE C 5 7.48 -1.02 1.86
N GLU C 6 7.66 -0.55 0.62
CA GLU C 6 6.76 -0.85 -0.46
C GLU C 6 6.75 -2.36 -0.73
N ILE C 7 7.92 -2.97 -0.74
CA ILE C 7 8.00 -4.41 -0.98
C ILE C 7 7.25 -5.19 0.09
N LYS C 8 7.53 -4.89 1.36
CA LYS C 8 6.87 -5.59 2.46
C LYS C 8 5.38 -5.31 2.47
N ARG C 9 4.97 -4.06 2.31
CA ARG C 9 3.53 -3.77 2.31
C ARG C 9 2.79 -4.43 1.13
N LYS C 10 3.46 -4.51 -0.01
CA LYS C 10 2.86 -5.12 -1.19
C LYS C 10 2.65 -6.62 -0.95
N PHE C 11 3.66 -7.27 -0.36
CA PHE C 11 3.50 -8.66 0.05
C PHE C 11 2.31 -8.78 0.99
N GLY C 12 2.26 -7.91 2.00
CA GLY C 12 1.19 -7.96 3.01
C GLY C 12 -0.18 -7.75 2.41
N ARG C 13 -0.30 -6.79 1.49
CA ARG C 13 -1.58 -6.56 0.80
C ARG C 13 -2.00 -7.76 -0.01
N THR C 14 -1.03 -8.41 -0.66
CA THR C 14 -1.34 -9.58 -1.44
C THR C 14 -1.77 -10.74 -0.57
N LEU C 15 -1.10 -10.90 0.57
CA LEU C 15 -1.49 -11.94 1.52
C LEU C 15 -2.94 -11.73 1.99
N LYS C 16 -3.26 -10.49 2.38
CA LYS C 16 -4.62 -10.24 2.84
C LYS C 16 -5.64 -10.51 1.76
N LYS C 17 -5.33 -10.07 0.55
CA LYS C 17 -6.19 -10.32 -0.61
C LYS C 17 -6.46 -11.80 -0.82
N ILE C 18 -5.40 -12.61 -0.87
CA ILE C 18 -5.55 -14.04 -1.14
C ILE C 18 -6.27 -14.76 0.02
N ARG C 19 -5.85 -14.45 1.24
CA ARG C 19 -6.42 -15.10 2.42
C ARG C 19 -7.91 -14.81 2.50
N THR C 20 -8.28 -13.55 2.32
CA THR C 20 -9.71 -13.17 2.37
C THR C 20 -10.52 -13.78 1.23
N GLN C 21 -9.96 -13.81 0.03
CA GLN C 21 -10.65 -14.44 -1.09
CA GLN C 21 -10.59 -14.48 -1.12
C GLN C 21 -10.95 -15.91 -0.75
N LYS C 22 -10.01 -16.57 -0.08
CA LYS C 22 -10.17 -17.96 0.33
C LYS C 22 -10.99 -18.17 1.59
N GLY C 23 -11.51 -17.11 2.20
CA GLY C 23 -12.38 -17.28 3.37
C GLY C 23 -11.63 -17.70 4.63
N VAL C 24 -10.36 -17.31 4.70
CA VAL C 24 -9.50 -17.75 5.81
C VAL C 24 -9.27 -16.55 6.74
N SER C 25 -9.63 -16.65 8.00
CA SER C 25 -9.32 -15.61 8.98
C SER C 25 -7.81 -15.53 9.24
N GLN C 26 -7.33 -14.43 9.83
CA GLN C 26 -5.92 -14.38 10.27
C GLN C 26 -5.64 -15.48 11.27
N GLU C 27 -6.62 -15.75 12.15
CA GLU C 27 -6.47 -16.79 13.15
C GLU C 27 -6.35 -18.13 12.46
N GLU C 28 -7.21 -18.43 11.49
CA GLU C 28 -7.11 -19.72 10.80
C GLU C 28 -5.79 -19.85 10.07
N LEU C 29 -5.35 -18.80 9.40
CA LEU C 29 -4.04 -18.88 8.75
C LEU C 29 -2.92 -19.16 9.74
N ALA C 30 -2.91 -18.46 10.85
CA ALA C 30 -1.94 -18.70 11.93
C ALA C 30 -1.99 -20.18 12.32
N ASP C 31 -3.19 -20.71 12.56
CA ASP C 31 -3.33 -22.14 12.94
C ASP C 31 -2.79 -23.10 11.88
N LEU C 32 -3.21 -22.90 10.64
CA LEU C 32 -2.78 -23.80 9.57
C LEU C 32 -1.31 -23.69 9.25
N ALA C 33 -0.73 -22.49 9.40
CA ALA C 33 0.68 -22.25 9.08
C ALA C 33 1.62 -22.49 10.25
N GLY C 34 1.09 -22.74 11.44
CA GLY C 34 1.93 -22.89 12.63
C GLY C 34 2.65 -21.62 13.02
N LEU C 35 1.95 -20.50 12.94
CA LEU C 35 2.52 -19.19 13.24
C LEU C 35 1.56 -18.49 14.17
N HIS C 36 2.01 -17.41 14.81
CA HIS C 36 1.14 -16.64 15.69
C HIS C 36 0.32 -15.63 14.90
N ARG C 37 -0.92 -15.39 15.33
CA ARG C 37 -1.79 -14.40 14.68
C ARG C 37 -1.10 -13.05 14.64
N THR C 38 -0.40 -12.69 15.72
CA THR C 38 0.27 -11.38 15.73
C THR C 38 1.31 -11.28 14.63
N TYR C 39 2.01 -12.37 14.35
CA TYR C 39 2.99 -12.38 13.27
C TYR C 39 2.29 -12.26 11.90
N ILE C 40 1.18 -13.00 11.71
CA ILE C 40 0.38 -12.88 10.47
C ILE C 40 -0.02 -11.40 10.25
N SER C 41 -0.50 -10.78 11.31
CA SER C 41 -0.91 -9.38 11.25
C SER C 41 0.25 -8.46 10.88
N GLU C 42 1.40 -8.69 11.51
CA GLU C 42 2.59 -7.95 11.20
C GLU C 42 2.95 -8.09 9.73
N VAL C 43 2.94 -9.31 9.21
CA VAL C 43 3.28 -9.52 7.80
C VAL C 43 2.28 -8.76 6.90
N GLU C 44 0.99 -8.88 7.19
CA GLU C 44 -0.01 -8.24 6.35
C GLU C 44 0.07 -6.74 6.32
N ARG C 45 0.51 -6.16 7.43
CA ARG C 45 0.67 -4.70 7.47
C ARG C 45 2.01 -4.19 6.99
N GLY C 46 2.92 -5.07 6.57
CA GLY C 46 4.20 -4.64 6.03
C GLY C 46 5.29 -4.45 7.04
N ASP C 47 5.14 -5.00 8.24
CA ASP C 47 6.12 -4.81 9.34
C ASP C 47 7.15 -5.94 9.40
N ARG C 48 7.05 -6.91 8.52
CA ARG C 48 8.01 -8.03 8.55
C ARG C 48 8.62 -8.31 7.20
N ASN C 49 9.94 -8.46 7.22
CA ASN C 49 10.68 -8.99 6.09
C ASN C 49 10.57 -10.52 6.13
N ILE C 50 9.45 -11.03 5.63
CA ILE C 50 9.11 -12.42 5.83
C ILE C 50 10.14 -13.37 5.21
N SER C 51 10.55 -14.37 5.99
CA SER C 51 11.52 -15.35 5.56
C SER C 51 10.97 -16.26 4.50
N LEU C 52 11.87 -16.82 3.68
CA LEU C 52 11.48 -17.86 2.75
C LEU C 52 10.68 -18.96 3.43
N ILE C 53 11.16 -19.39 4.60
CA ILE C 53 10.53 -20.48 5.33
C ILE C 53 9.07 -20.12 5.62
N ASN C 54 8.83 -18.91 6.08
CA ASN C 54 7.47 -18.51 6.40
C ASN C 54 6.60 -18.21 5.19
N ILE C 55 7.20 -17.75 4.09
CA ILE C 55 6.50 -17.66 2.83
C ILE C 55 6.01 -19.06 2.44
N HIS C 56 6.88 -20.05 2.56
CA HIS C 56 6.51 -21.41 2.24
C HIS C 56 5.37 -21.93 3.13
N LYS C 57 5.49 -21.70 4.44
CA LYS C 57 4.47 -22.19 5.38
C LYS C 57 3.13 -21.53 5.07
N ILE C 58 3.13 -20.22 4.80
CA ILE C 58 1.88 -19.50 4.53
C ILE C 58 1.23 -19.93 3.22
N CYS C 59 2.03 -20.06 2.17
CA CYS C 59 1.50 -20.50 0.89
C CYS C 59 0.94 -21.94 0.98
N ALA C 60 1.67 -22.86 1.62
CA ALA C 60 1.18 -24.22 1.77
C ALA C 60 -0.12 -24.22 2.56
N ALA C 61 -0.19 -23.43 3.63
CA ALA C 61 -1.42 -23.33 4.44
C ALA C 61 -2.60 -22.89 3.59
N LEU C 62 -2.36 -21.96 2.66
CA LEU C 62 -3.42 -21.46 1.78
C LEU C 62 -3.64 -22.29 0.53
N ASP C 63 -2.95 -23.44 0.42
CA ASP C 63 -3.03 -24.35 -0.72
C ASP C 63 -2.78 -23.60 -2.02
N ILE C 64 -1.69 -22.82 -2.05
CA ILE C 64 -1.32 -22.07 -3.25
C ILE C 64 0.20 -22.19 -3.40
N PRO C 65 0.70 -22.42 -4.63
CA PRO C 65 2.13 -22.34 -4.81
C PRO C 65 2.65 -20.92 -4.62
N ALA C 66 3.86 -20.81 -4.10
CA ALA C 66 4.48 -19.52 -3.98
C ALA C 66 4.56 -18.82 -5.33
N SER C 67 4.80 -19.56 -6.43
CA SER C 67 4.85 -18.90 -7.72
C SER C 67 3.55 -18.18 -7.99
N THR C 68 2.42 -18.80 -7.64
CA THR C 68 1.12 -18.15 -7.87
C THR C 68 0.90 -16.92 -6.98
N PHE C 69 1.31 -17.02 -5.71
CA PHE C 69 1.26 -15.87 -4.80
C PHE C 69 2.01 -14.69 -5.39
N PHE C 70 3.25 -14.94 -5.81
CA PHE C 70 4.09 -13.88 -6.37
C PHE C 70 3.55 -13.37 -7.71
N ARG C 71 2.98 -14.22 -8.55
CA ARG C 71 2.36 -13.77 -9.81
C ARG C 71 1.25 -12.77 -9.50
N LYS C 72 0.42 -13.11 -8.52
CA LYS C 72 -0.66 -12.22 -8.10
C LYS C 72 -0.14 -10.89 -7.59
N MET C 73 0.95 -10.94 -6.83
CA MET C 73 1.58 -9.73 -6.33
C MET C 73 2.11 -8.90 -7.50
N GLU C 74 2.70 -9.57 -8.47
CA GLU C 74 3.28 -8.88 -9.64
C GLU C 74 2.23 -8.21 -10.53
N GLU C 75 1.03 -8.77 -10.53
CA GLU C 75 -0.10 -8.24 -11.31
C GLU C 75 -0.75 -7.01 -10.68
N GLU C 76 -0.41 -6.71 -9.43
CA GLU C 76 -0.97 -5.53 -8.77
C GLU C 76 -0.58 -4.26 -9.53
N ASN C 77 0.71 -4.10 -9.83
N MET D 1 5.45 -32.49 6.61
CA MET D 1 6.46 -31.98 7.58
C MET D 1 7.44 -31.10 6.83
N ILE D 2 7.66 -29.90 7.38
CA ILE D 2 8.56 -28.85 6.91
C ILE D 2 9.99 -29.22 7.27
N ASN D 3 10.90 -29.06 6.32
CA ASN D 3 12.28 -29.28 6.53
C ASN D 3 12.95 -27.94 6.16
N GLU D 4 13.26 -27.10 7.15
CA GLU D 4 13.76 -25.74 6.88
C GLU D 4 15.07 -25.79 6.11
N ILE D 5 15.91 -26.76 6.48
CA ILE D 5 17.20 -26.89 5.79
C ILE D 5 16.98 -27.21 4.32
N GLU D 6 16.12 -28.16 4.04
CA GLU D 6 15.78 -28.54 2.70
C GLU D 6 15.21 -27.36 1.93
N ILE D 7 14.31 -26.59 2.55
CA ILE D 7 13.74 -25.45 1.86
C ILE D 7 14.84 -24.43 1.46
N LYS D 8 15.70 -24.09 2.41
CA LYS D 8 16.74 -23.13 2.11
C LYS D 8 17.72 -23.67 1.08
N ARG D 9 18.09 -24.94 1.24
CA ARG D 9 19.03 -25.53 0.28
C ARG D 9 18.44 -25.62 -1.13
N LYS D 10 17.16 -25.96 -1.22
CA LYS D 10 16.48 -26.00 -2.54
C LYS D 10 16.48 -24.62 -3.19
N PHE D 11 16.22 -23.58 -2.39
CA PHE D 11 16.29 -22.23 -2.91
C PHE D 11 17.70 -21.98 -3.46
N GLY D 12 18.72 -22.34 -2.68
CA GLY D 12 20.10 -22.15 -3.11
C GLY D 12 20.48 -22.87 -4.40
N ARG D 13 20.10 -24.14 -4.49
CA ARG D 13 20.37 -24.90 -5.70
C ARG D 13 19.66 -24.31 -6.92
N THR D 14 18.44 -23.83 -6.70
CA THR D 14 17.66 -23.25 -7.78
C THR D 14 18.34 -21.94 -8.22
N LEU D 15 18.81 -21.15 -7.26
CA LEU D 15 19.49 -19.92 -7.58
C LEU D 15 20.75 -20.21 -8.41
N LYS D 16 21.54 -21.19 -8.00
CA LYS D 16 22.74 -21.51 -8.79
C LYS D 16 22.35 -21.89 -10.23
N LYS D 17 21.31 -22.69 -10.39
CA LYS D 17 20.84 -23.10 -11.74
C LYS D 17 20.41 -21.90 -12.58
N ILE D 18 19.60 -21.03 -12.00
CA ILE D 18 19.04 -19.91 -12.76
C ILE D 18 20.14 -18.91 -13.10
N ARG D 19 21.04 -18.57 -12.18
CA ARG D 19 22.09 -17.65 -12.57
C ARG D 19 22.98 -18.27 -13.64
N THR D 20 23.18 -19.59 -13.60
CA THR D 20 23.98 -20.24 -14.62
C THR D 20 23.28 -20.13 -15.98
N GLN D 21 21.98 -20.34 -16.00
CA GLN D 21 21.19 -20.19 -17.23
C GLN D 21 21.19 -18.77 -17.76
N LYS D 22 21.41 -17.80 -16.88
CA LYS D 22 21.55 -16.37 -17.25
C LYS D 22 23.00 -15.94 -17.56
N GLY D 23 23.95 -16.84 -17.34
CA GLY D 23 25.33 -16.57 -17.67
C GLY D 23 26.08 -15.72 -16.69
N VAL D 24 25.70 -15.81 -15.42
CA VAL D 24 26.19 -14.92 -14.36
C VAL D 24 26.88 -15.76 -13.28
N SER D 25 28.09 -15.39 -12.89
CA SER D 25 28.79 -16.01 -11.77
C SER D 25 28.19 -15.62 -10.43
N GLN D 26 28.53 -16.34 -9.38
CA GLN D 26 28.04 -16.04 -8.02
C GLN D 26 28.46 -14.62 -7.63
N GLU D 27 29.71 -14.26 -7.92
CA GLU D 27 30.26 -12.96 -7.54
C GLU D 27 29.56 -11.86 -8.31
N GLU D 28 29.33 -12.07 -9.60
CA GLU D 28 28.60 -11.05 -10.37
C GLU D 28 27.19 -10.92 -9.87
N LEU D 29 26.50 -12.03 -9.56
CA LEU D 29 25.12 -11.94 -9.05
C LEU D 29 25.11 -11.06 -7.79
N ALA D 30 26.03 -11.32 -6.88
CA ALA D 30 26.10 -10.54 -5.65
C ALA D 30 26.23 -9.06 -5.95
N ASP D 31 27.16 -8.74 -6.83
CA ASP D 31 27.40 -7.34 -7.23
C ASP D 31 26.15 -6.71 -7.85
N LEU D 32 25.53 -7.42 -8.78
CA LEU D 32 24.32 -6.92 -9.45
C LEU D 32 23.15 -6.73 -8.49
N ALA D 33 23.05 -7.61 -7.49
CA ALA D 33 22.00 -7.53 -6.49
C ALA D 33 22.33 -6.62 -5.32
N GLY D 34 23.51 -6.02 -5.26
CA GLY D 34 23.85 -5.15 -4.14
C GLY D 34 23.88 -5.90 -2.83
N LEU D 35 24.49 -7.09 -2.87
CA LEU D 35 24.65 -7.96 -1.71
C LEU D 35 26.10 -8.41 -1.59
N HIS D 36 26.52 -8.73 -0.38
CA HIS D 36 27.89 -9.20 -0.18
C HIS D 36 28.10 -10.51 -0.88
N ARG D 37 29.28 -10.66 -1.47
CA ARG D 37 29.64 -11.90 -2.16
C ARG D 37 29.55 -13.13 -1.27
N THR D 38 30.00 -13.01 -0.03
CA THR D 38 29.99 -14.15 0.88
C THR D 38 28.56 -14.51 1.22
N TYR D 39 27.69 -13.51 1.30
CA TYR D 39 26.28 -13.75 1.60
C TYR D 39 25.67 -14.62 0.48
N ILE D 40 25.95 -14.28 -0.77
CA ILE D 40 25.40 -15.07 -1.89
C ILE D 40 25.93 -16.51 -1.83
N SER D 41 27.24 -16.66 -1.59
CA SER D 41 27.83 -17.98 -1.45
C SER D 41 27.09 -18.80 -0.37
N GLU D 42 26.81 -18.18 0.76
CA GLU D 42 26.13 -18.83 1.86
C GLU D 42 24.67 -19.16 1.49
N VAL D 43 23.97 -18.23 0.85
CA VAL D 43 22.60 -18.48 0.39
C VAL D 43 22.53 -19.66 -0.58
N GLU D 44 23.48 -19.75 -1.50
CA GLU D 44 23.47 -20.84 -2.45
C GLU D 44 23.68 -22.20 -1.77
N ARG D 45 24.33 -22.21 -0.60
CA ARG D 45 24.52 -23.42 0.20
C ARG D 45 23.42 -23.64 1.23
N GLY D 46 22.42 -22.75 1.24
CA GLY D 46 21.31 -22.87 2.18
C GLY D 46 21.62 -22.43 3.59
N ASP D 47 22.66 -21.63 3.77
CA ASP D 47 23.11 -21.30 5.12
C ASP D 47 22.57 -20.02 5.70
N ARG D 48 21.78 -19.26 4.97
CA ARG D 48 21.29 -18.01 5.57
C ARG D 48 19.76 -18.01 5.61
N ASN D 49 19.18 -17.06 6.33
CA ASN D 49 17.72 -17.06 6.44
C ASN D 49 17.11 -16.14 5.38
N ILE D 50 17.31 -16.54 4.15
CA ILE D 50 16.87 -15.77 2.98
C ILE D 50 15.42 -15.31 3.15
N SER D 51 15.20 -14.02 2.98
CA SER D 51 13.90 -13.39 3.18
C SER D 51 13.51 -12.49 1.99
N LEU D 52 12.27 -11.99 2.08
CA LEU D 52 11.60 -11.33 0.95
C LEU D 52 12.44 -10.26 0.23
N ILE D 53 13.00 -9.32 0.98
CA ILE D 53 13.69 -8.20 0.35
C ILE D 53 14.84 -8.71 -0.51
N ASN D 54 15.66 -9.62 0.03
CA ASN D 54 16.78 -10.15 -0.72
C ASN D 54 16.34 -11.07 -1.85
N ILE D 55 15.26 -11.82 -1.64
CA ILE D 55 14.68 -12.55 -2.77
C ILE D 55 14.37 -11.60 -3.93
N HIS D 56 13.74 -10.47 -3.62
CA HIS D 56 13.37 -9.50 -4.63
C HIS D 56 14.64 -8.96 -5.35
N LYS D 57 15.64 -8.63 -4.54
CA LYS D 57 16.88 -8.09 -5.09
C LYS D 57 17.59 -9.10 -6.00
N ILE D 58 17.63 -10.35 -5.55
CA ILE D 58 18.26 -11.41 -6.33
C ILE D 58 17.52 -11.63 -7.65
N CYS D 59 16.19 -11.70 -7.62
CA CYS D 59 15.44 -12.00 -8.85
C CYS D 59 15.58 -10.80 -9.78
N ALA D 60 15.55 -9.58 -9.24
CA ALA D 60 15.70 -8.40 -10.08
C ALA D 60 17.05 -8.41 -10.78
N ALA D 61 18.10 -8.78 -10.06
CA ALA D 61 19.46 -8.86 -10.62
C ALA D 61 19.57 -9.89 -11.74
N LEU D 62 18.83 -10.98 -11.63
CA LEU D 62 18.80 -12.02 -12.66
C LEU D 62 17.79 -11.75 -13.74
N ASP D 63 17.10 -10.62 -13.62
CA ASP D 63 16.09 -10.24 -14.58
C ASP D 63 15.08 -11.38 -14.75
N ILE D 64 14.53 -11.84 -13.62
CA ILE D 64 13.49 -12.87 -13.61
C ILE D 64 12.42 -12.44 -12.60
N PRO D 65 11.13 -12.61 -12.93
CA PRO D 65 10.13 -12.34 -11.91
C PRO D 65 10.26 -13.39 -10.77
N ALA D 66 9.95 -13.00 -9.53
CA ALA D 66 9.99 -13.99 -8.45
C ALA D 66 9.06 -15.17 -8.75
N SER D 67 7.91 -14.89 -9.35
CA SER D 67 6.98 -15.97 -9.70
C SER D 67 7.66 -17.04 -10.56
N THR D 68 8.47 -16.61 -11.53
CA THR D 68 9.17 -17.53 -12.40
C THR D 68 10.27 -18.31 -11.65
N PHE D 69 11.00 -17.62 -10.78
CA PHE D 69 11.98 -18.27 -9.91
C PHE D 69 11.34 -19.38 -9.10
N PHE D 70 10.25 -19.06 -8.42
CA PHE D 70 9.57 -20.07 -7.63
C PHE D 70 8.98 -21.21 -8.49
N ARG D 71 8.46 -20.88 -9.66
CA ARG D 71 7.91 -21.93 -10.53
C ARG D 71 9.04 -22.91 -10.88
N LYS D 72 10.23 -22.39 -11.15
CA LYS D 72 11.38 -23.27 -11.41
C LYS D 72 11.77 -24.10 -10.18
N MET D 73 11.71 -23.51 -8.99
CA MET D 73 12.02 -24.21 -7.76
C MET D 73 10.99 -25.32 -7.53
N GLU D 74 9.73 -25.03 -7.86
CA GLU D 74 8.62 -25.98 -7.71
C GLU D 74 8.66 -27.14 -8.72
N GLU D 75 9.27 -26.91 -9.88
CA GLU D 75 9.44 -27.96 -10.89
C GLU D 75 10.44 -28.96 -10.35
N GLU D 76 11.56 -28.45 -9.85
CA GLU D 76 12.57 -29.27 -9.19
C GLU D 76 12.06 -29.80 -7.86
C ACY E . -9.48 17.44 10.69
O ACY E . -10.05 18.51 11.06
OXT ACY E . -10.00 16.68 9.92
CH3 ACY E . -8.13 17.17 11.25
C ACY F . 17.86 -12.26 4.53
O ACY F . 17.33 -12.13 3.47
OXT ACY F . 18.90 -12.97 4.64
CH3 ACY F . 17.33 -11.65 5.79
#